data_2FZI
#
_entry.id   2FZI
#
_cell.length_a   36.970
_cell.length_b   42.625
_cell.length_c   60.397
_cell.angle_alpha   90.00
_cell.angle_beta   95.02
_cell.angle_gamma   90.00
#
_symmetry.space_group_name_H-M   'P 1 21 1'
#
loop_
_entity.id
_entity.type
_entity.pdbx_description
1 polymer 'Dihydrofolate reductase'
2 non-polymer 'NADPH DIHYDRO-NICOTINAMIDE-ADENINE-DINUCLEOTIDE PHOSPHATE'
3 non-polymer "2,4-DIAMINO-5-[3',4'-DIMETHOXY-5'-(5-CARBOXYL-1-PENTYNYL)]BENZYL PYRIMIDINE"
4 water water
#
_entity_poly.entity_id   1
_entity_poly.type   'polypeptide(L)'
_entity_poly.pdbx_seq_one_letter_code
;MNQQKSLTLIVALTTSYGIGRSNSLPWKLKKEISYFKRVTSFVPTFDSFESMNVVLMGRKTWESIPLQFRPLKGRINVVI
TRNESLDLGNGIHSAKSLDHALELLYRTYGSESSVQINRIFVIGGAQLYKAAMDHPKLDRIMATIIYKDIHCDVFFPLKF
RDKEWSSVWKKEKHSDLESWVGTKVPHGKINEDGFDYEFEMWTRDL
;
_entity_poly.pdbx_strand_id   A
#
loop_
_chem_comp.id
_chem_comp.type
_chem_comp.name
_chem_comp.formula
DH3 non-polymer '2,4-DIAMINO-5-[3',4'-DIMETHOXY-5'-(5-CARBOXYL-1-PENTYNYL)]BENZYL PYRIMIDINE' 'C19 H22 N4 O4'
NDP non-polymer 'NADPH DIHYDRO-NICOTINAMIDE-ADENINE-DINUCLEOTIDE PHOSPHATE' 'C21 H30 N7 O17 P3'
#
# COMPACT_ATOMS: atom_id res chain seq x y z
N MET A 1 16.57 -5.63 -15.58
CA MET A 1 15.17 -5.79 -15.08
C MET A 1 15.14 -5.70 -13.55
N ASN A 2 14.65 -4.58 -13.04
CA ASN A 2 14.57 -4.37 -11.59
C ASN A 2 13.72 -3.14 -11.28
N GLN A 3 13.47 -2.33 -12.29
CA GLN A 3 12.69 -1.12 -12.10
C GLN A 3 11.81 -0.77 -13.31
N GLN A 4 11.19 -1.78 -13.92
CA GLN A 4 10.31 -1.55 -15.05
C GLN A 4 8.93 -1.13 -14.58
N LYS A 5 8.42 -1.80 -13.54
CA LYS A 5 7.10 -1.48 -13.03
C LYS A 5 7.14 -0.32 -12.03
N SER A 6 6.05 0.43 -11.95
CA SER A 6 5.99 1.55 -11.03
C SER A 6 5.46 1.04 -9.70
N LEU A 7 5.71 1.80 -8.64
CA LEU A 7 5.23 1.42 -7.32
C LEU A 7 4.03 2.28 -6.94
N THR A 8 3.10 1.69 -6.22
CA THR A 8 1.90 2.39 -5.76
C THR A 8 1.87 2.27 -4.24
N LEU A 9 1.69 3.39 -3.55
CA LEU A 9 1.65 3.37 -2.10
C LEU A 9 0.19 3.43 -1.67
N ILE A 10 -0.18 2.69 -0.62
CA ILE A 10 -1.58 2.73 -0.16
C ILE A 10 -1.58 2.97 1.36
N VAL A 11 -2.35 3.96 1.77
CA VAL A 11 -2.37 4.35 3.16
C VAL A 11 -3.65 5.07 3.62
N ALA A 12 -3.93 4.93 4.91
CA ALA A 12 -5.07 5.55 5.57
C ALA A 12 -4.45 6.54 6.57
N LEU A 13 -4.79 7.83 6.45
CA LEU A 13 -4.20 8.83 7.32
C LEU A 13 -5.13 9.99 7.67
N THR A 14 -4.89 10.60 8.83
CA THR A 14 -5.74 11.72 9.25
C THR A 14 -5.31 13.01 8.57
N THR A 15 -6.10 14.06 8.73
CA THR A 15 -5.73 15.32 8.14
C THR A 15 -4.41 15.84 8.69
N SER A 16 -3.92 15.21 9.76
CA SER A 16 -2.65 15.61 10.35
C SER A 16 -1.56 14.60 10.02
N TYR A 17 -1.85 13.78 9.00
CA TYR A 17 -0.95 12.75 8.52
C TYR A 17 -0.69 11.62 9.49
N GLY A 18 -1.56 11.48 10.49
CA GLY A 18 -1.41 10.40 11.46
C GLY A 18 -1.79 9.06 10.86
N ILE A 19 -0.97 8.03 11.05
CA ILE A 19 -1.29 6.73 10.47
C ILE A 19 -1.35 5.56 11.46
N GLY A 20 -0.77 5.73 12.64
CA GLY A 20 -0.80 4.66 13.61
C GLY A 20 -0.56 5.05 15.05
N ARG A 21 -0.82 4.10 15.95
CA ARG A 21 -0.64 4.33 17.38
C ARG A 21 0.25 3.23 17.95
N SER A 22 -0.29 2.44 18.87
CA SER A 22 0.48 1.36 19.50
C SER A 22 0.69 0.20 18.54
N ASN A 23 1.53 0.42 17.54
CA ASN A 23 1.82 -0.59 16.53
C ASN A 23 0.53 -1.13 15.93
N SER A 24 -0.47 -0.26 15.76
CA SER A 24 -1.74 -0.66 15.16
C SER A 24 -2.51 0.54 14.62
N LEU A 25 -3.64 0.28 13.96
CA LEU A 25 -4.44 1.37 13.42
C LEU A 25 -5.28 1.98 14.54
N PRO A 26 -5.17 3.30 14.74
CA PRO A 26 -5.93 3.96 15.80
C PRO A 26 -7.41 4.13 15.48
N TRP A 27 -7.93 3.29 14.59
CA TRP A 27 -9.33 3.34 14.20
C TRP A 27 -9.77 1.96 13.70
N LYS A 28 -11.05 1.64 13.86
CA LYS A 28 -11.60 0.35 13.42
C LYS A 28 -12.61 0.58 12.31
N LEU A 29 -12.12 0.65 11.08
CA LEU A 29 -12.96 0.88 9.91
C LEU A 29 -12.98 -0.39 9.06
N LYS A 30 -13.99 -1.21 9.26
CA LYS A 30 -14.12 -2.46 8.52
C LYS A 30 -14.26 -2.21 7.02
N LYS A 31 -14.95 -1.14 6.64
CA LYS A 31 -15.13 -0.80 5.23
C LYS A 31 -13.84 -0.34 4.56
N GLU A 32 -13.05 0.42 5.31
CA GLU A 32 -11.77 0.95 4.85
C GLU A 32 -10.91 -0.26 4.51
N ILE A 33 -10.79 -1.17 5.47
CA ILE A 33 -10.00 -2.38 5.26
C ILE A 33 -10.49 -3.14 4.04
N SER A 34 -11.80 -3.16 3.83
CA SER A 34 -12.40 -3.85 2.68
C SER A 34 -11.88 -3.22 1.38
N TYR A 35 -11.73 -1.91 1.40
CA TYR A 35 -11.23 -1.16 0.26
C TYR A 35 -9.78 -1.55 0.01
N PHE A 36 -9.01 -1.54 1.09
CA PHE A 36 -7.60 -1.87 1.05
C PHE A 36 -7.42 -3.24 0.41
N LYS A 37 -8.20 -4.20 0.89
CA LYS A 37 -8.10 -5.55 0.35
C LYS A 37 -8.48 -5.58 -1.11
N ARG A 38 -9.57 -4.89 -1.47
CA ARG A 38 -10.02 -4.87 -2.86
C ARG A 38 -8.99 -4.26 -3.80
N VAL A 39 -8.43 -3.13 -3.40
CA VAL A 39 -7.45 -2.44 -4.22
C VAL A 39 -6.16 -3.25 -4.38
N THR A 40 -5.60 -3.73 -3.29
CA THR A 40 -4.34 -4.48 -3.38
C THR A 40 -4.48 -5.88 -3.99
N SER A 41 -5.71 -6.37 -4.11
CA SER A 41 -5.98 -7.70 -4.65
C SER A 41 -6.44 -7.73 -6.10
N PHE A 42 -7.04 -6.63 -6.54
CA PHE A 42 -7.58 -6.53 -7.89
C PHE A 42 -6.60 -6.67 -9.03
N VAL A 43 -6.96 -7.55 -9.95
CA VAL A 43 -6.19 -7.83 -11.15
C VAL A 43 -7.16 -7.97 -12.32
N PRO A 44 -6.85 -7.35 -13.46
CA PRO A 44 -7.73 -7.44 -14.64
C PRO A 44 -8.12 -8.89 -14.91
N THR A 45 -9.40 -9.13 -15.13
CA THR A 45 -9.92 -10.47 -15.40
C THR A 45 -9.05 -11.28 -16.36
N PHE A 46 -8.76 -10.71 -17.54
CA PHE A 46 -7.94 -11.41 -18.54
C PHE A 46 -6.61 -11.86 -17.97
N ASP A 47 -5.98 -10.98 -17.19
CA ASP A 47 -4.68 -11.27 -16.58
C ASP A 47 -4.84 -12.09 -15.31
N SER A 48 -6.05 -12.09 -14.76
CA SER A 48 -6.36 -12.82 -13.53
C SER A 48 -6.00 -14.30 -13.56
N PHE A 49 -5.87 -14.84 -14.77
CA PHE A 49 -5.55 -16.26 -14.93
C PHE A 49 -4.20 -16.64 -14.31
N GLU A 50 -3.20 -15.79 -14.51
CA GLU A 50 -1.87 -16.07 -13.96
C GLU A 50 -1.14 -14.85 -13.39
N SER A 51 -1.88 -13.82 -12.99
CA SER A 51 -1.26 -12.61 -12.44
C SER A 51 -1.71 -12.27 -11.03
N MET A 52 -0.76 -11.89 -10.18
CA MET A 52 -1.05 -11.53 -8.80
C MET A 52 -0.34 -10.22 -8.44
N ASN A 53 -0.91 -9.48 -7.51
CA ASN A 53 -0.30 -8.23 -7.07
C ASN A 53 0.63 -8.52 -5.92
N VAL A 54 1.55 -7.60 -5.68
CA VAL A 54 2.50 -7.74 -4.60
C VAL A 54 2.25 -6.69 -3.52
N VAL A 55 2.46 -7.08 -2.27
CA VAL A 55 2.29 -6.16 -1.17
C VAL A 55 3.57 -6.16 -0.38
N LEU A 56 4.27 -5.03 -0.42
CA LEU A 56 5.52 -4.85 0.30
C LEU A 56 5.16 -4.15 1.59
N MET A 57 5.69 -4.65 2.69
CA MET A 57 5.43 -4.06 4.00
C MET A 57 6.63 -4.20 4.89
N GLY A 58 6.69 -3.32 5.88
CA GLY A 58 7.78 -3.32 6.84
C GLY A 58 7.51 -4.43 7.84
N ARG A 59 8.54 -4.79 8.60
CA ARG A 59 8.43 -5.85 9.59
C ARG A 59 7.39 -5.56 10.67
N LYS A 60 7.39 -4.33 11.20
CA LYS A 60 6.44 -3.97 12.25
C LYS A 60 5.00 -4.15 11.76
N THR A 61 4.72 -3.65 10.56
CA THR A 61 3.39 -3.75 9.98
C THR A 61 3.03 -5.22 9.80
N TRP A 62 4.01 -6.03 9.47
CA TRP A 62 3.75 -7.45 9.28
C TRP A 62 3.33 -8.10 10.59
N GLU A 63 3.97 -7.73 11.69
CA GLU A 63 3.66 -8.30 12.98
C GLU A 63 2.33 -7.74 13.50
N SER A 64 1.95 -6.58 12.98
CA SER A 64 0.72 -5.92 13.39
C SER A 64 -0.51 -6.55 12.77
N ILE A 65 -0.30 -7.36 11.74
CA ILE A 65 -1.39 -8.03 11.07
C ILE A 65 -1.74 -9.33 11.79
N PRO A 66 -3.01 -9.48 12.21
CA PRO A 66 -3.48 -10.69 12.92
C PRO A 66 -3.20 -11.95 12.12
N LEU A 67 -2.56 -12.92 12.76
CA LEU A 67 -2.23 -14.19 12.13
C LEU A 67 -3.37 -14.69 11.26
N GLN A 68 -4.60 -14.52 11.75
CA GLN A 68 -5.77 -14.95 11.01
C GLN A 68 -5.84 -14.37 9.60
N PHE A 69 -5.31 -13.17 9.42
CA PHE A 69 -5.33 -12.52 8.12
C PHE A 69 -3.92 -12.44 7.52
N ARG A 70 -3.01 -13.18 8.14
CA ARG A 70 -1.62 -13.21 7.69
C ARG A 70 -1.24 -14.59 7.16
N PRO A 71 -0.65 -14.65 5.96
CA PRO A 71 -0.33 -13.48 5.13
C PRO A 71 -1.54 -13.05 4.29
N LEU A 72 -1.46 -11.86 3.71
CA LEU A 72 -2.54 -11.33 2.89
C LEU A 72 -2.77 -12.24 1.69
N LYS A 73 -3.93 -12.88 1.67
CA LYS A 73 -4.29 -13.82 0.62
C LYS A 73 -4.55 -13.21 -0.74
N GLY A 74 -4.26 -14.01 -1.77
CA GLY A 74 -4.47 -13.58 -3.13
C GLY A 74 -3.47 -12.54 -3.59
N ARG A 75 -2.44 -12.32 -2.78
CA ARG A 75 -1.38 -11.35 -3.08
C ARG A 75 -0.01 -11.87 -2.61
N ILE A 76 1.03 -11.58 -3.38
CA ILE A 76 2.38 -12.01 -3.04
C ILE A 76 2.91 -11.06 -1.98
N ASN A 77 3.21 -11.60 -0.81
CA ASN A 77 3.71 -10.80 0.28
C ASN A 77 5.25 -10.80 0.38
N VAL A 78 5.81 -9.63 0.70
CA VAL A 78 7.25 -9.45 0.86
C VAL A 78 7.45 -8.50 2.01
N VAL A 79 8.13 -8.97 3.06
CA VAL A 79 8.40 -8.18 4.24
C VAL A 79 9.80 -7.62 4.17
N ILE A 80 9.93 -6.30 4.32
CA ILE A 80 11.21 -5.65 4.28
C ILE A 80 11.76 -5.64 5.70
N THR A 81 12.93 -6.24 5.88
CA THR A 81 13.57 -6.31 7.19
C THR A 81 15.06 -6.62 7.08
N ARG A 82 15.81 -6.18 8.09
CA ARG A 82 17.25 -6.41 8.15
C ARG A 82 17.55 -7.47 9.21
N ASN A 83 16.62 -7.65 10.14
CA ASN A 83 16.80 -8.63 11.22
C ASN A 83 16.23 -9.99 10.81
N GLU A 84 17.11 -10.97 10.64
CA GLU A 84 16.69 -12.32 10.27
C GLU A 84 17.22 -13.36 11.23
N SER A 85 16.36 -13.79 12.15
CA SER A 85 16.71 -14.78 13.16
C SER A 85 16.02 -16.12 12.92
N LEU A 86 14.73 -16.16 13.23
CA LEU A 86 13.94 -17.37 13.07
C LEU A 86 12.51 -17.02 12.65
N ASP A 87 12.37 -15.92 11.92
CA ASP A 87 11.07 -15.47 11.44
C ASP A 87 10.44 -16.54 10.55
N LEU A 88 9.50 -17.29 11.11
CA LEU A 88 8.82 -18.35 10.39
C LEU A 88 7.98 -17.78 9.25
N GLY A 89 7.42 -18.67 8.44
CA GLY A 89 6.60 -18.23 7.33
C GLY A 89 6.21 -19.36 6.40
N ASN A 90 5.34 -19.06 5.44
CA ASN A 90 4.87 -20.04 4.48
C ASN A 90 5.25 -19.64 3.07
N GLY A 91 6.55 -19.44 2.86
CA GLY A 91 7.02 -19.05 1.54
C GLY A 91 7.06 -17.55 1.36
N ILE A 92 6.77 -16.81 2.43
CA ILE A 92 6.76 -15.34 2.40
C ILE A 92 8.17 -14.81 2.19
N HIS A 93 8.37 -14.13 1.06
CA HIS A 93 9.67 -13.58 0.73
C HIS A 93 10.17 -12.60 1.79
N SER A 94 11.47 -12.38 1.81
CA SER A 94 12.09 -11.48 2.77
C SER A 94 13.16 -10.64 2.08
N ALA A 95 13.01 -9.32 2.13
CA ALA A 95 13.99 -8.44 1.49
C ALA A 95 14.53 -7.41 2.48
N LYS A 96 15.78 -7.01 2.30
CA LYS A 96 16.37 -6.03 3.20
C LYS A 96 16.23 -4.59 2.77
N SER A 97 15.56 -4.35 1.64
CA SER A 97 15.37 -2.99 1.18
C SER A 97 14.31 -3.04 0.10
N LEU A 98 13.77 -1.88 -0.25
CA LEU A 98 12.75 -1.80 -1.27
C LEU A 98 13.31 -2.27 -2.62
N ASP A 99 14.57 -1.96 -2.91
CA ASP A 99 15.11 -2.39 -4.20
C ASP A 99 15.51 -3.85 -4.18
N HIS A 100 15.92 -4.31 -3.00
CA HIS A 100 16.30 -5.71 -2.86
C HIS A 100 15.04 -6.53 -3.02
N ALA A 101 13.91 -5.94 -2.62
CA ALA A 101 12.62 -6.61 -2.76
C ALA A 101 12.23 -6.74 -4.23
N LEU A 102 12.47 -5.68 -5.01
CA LEU A 102 12.13 -5.72 -6.42
C LEU A 102 12.98 -6.73 -7.19
N GLU A 103 14.28 -6.81 -6.87
CA GLU A 103 15.13 -7.77 -7.57
C GLU A 103 14.72 -9.20 -7.21
N LEU A 104 14.31 -9.40 -5.97
CA LEU A 104 13.88 -10.73 -5.52
C LEU A 104 12.61 -11.16 -6.27
N LEU A 105 11.66 -10.24 -6.41
CA LEU A 105 10.41 -10.52 -7.10
C LEU A 105 10.62 -10.77 -8.60
N TYR A 106 11.41 -9.90 -9.23
CA TYR A 106 11.64 -10.06 -10.67
C TYR A 106 12.41 -11.33 -11.01
N ARG A 107 13.19 -11.81 -10.04
CA ARG A 107 13.97 -13.03 -10.22
C ARG A 107 13.11 -14.27 -9.95
N THR A 108 12.29 -14.19 -8.90
CA THR A 108 11.42 -15.29 -8.52
C THR A 108 10.27 -15.48 -9.51
N TYR A 109 9.81 -14.37 -10.08
CA TYR A 109 8.70 -14.37 -11.02
C TYR A 109 9.07 -13.78 -12.38
N GLY A 110 9.83 -14.54 -13.16
CA GLY A 110 10.25 -14.06 -14.47
C GLY A 110 9.27 -14.45 -15.55
N SER A 111 9.58 -14.08 -16.78
CA SER A 111 8.72 -14.39 -17.93
C SER A 111 8.57 -15.90 -18.07
N GLU A 112 9.37 -16.64 -17.32
CA GLU A 112 9.31 -18.10 -17.37
C GLU A 112 8.47 -18.64 -16.22
N SER A 113 8.33 -17.84 -15.16
CA SER A 113 7.56 -18.23 -13.99
C SER A 113 6.08 -18.50 -14.30
N SER A 114 5.46 -19.35 -13.49
CA SER A 114 4.06 -19.70 -13.67
C SER A 114 3.17 -18.53 -13.21
N VAL A 115 3.57 -17.90 -12.11
CA VAL A 115 2.83 -16.77 -11.57
C VAL A 115 3.52 -15.48 -11.98
N GLN A 116 2.76 -14.57 -12.56
CA GLN A 116 3.30 -13.28 -13.02
C GLN A 116 2.81 -12.13 -12.12
N ILE A 117 3.68 -11.16 -11.87
CA ILE A 117 3.35 -10.02 -11.04
C ILE A 117 2.55 -8.99 -11.84
N ASN A 118 1.53 -8.42 -11.21
CA ASN A 118 0.69 -7.42 -11.87
C ASN A 118 1.10 -6.04 -11.34
N ARG A 119 0.62 -5.69 -10.16
CA ARG A 119 0.97 -4.41 -9.55
C ARG A 119 1.69 -4.63 -8.25
N ILE A 120 2.54 -3.67 -7.90
CA ILE A 120 3.30 -3.73 -6.68
C ILE A 120 2.84 -2.63 -5.74
N PHE A 121 2.40 -3.02 -4.55
CA PHE A 121 1.92 -2.07 -3.56
C PHE A 121 2.84 -1.99 -2.37
N VAL A 122 3.00 -0.79 -1.82
CA VAL A 122 3.77 -0.56 -0.60
C VAL A 122 2.62 -0.31 0.37
N ILE A 123 2.39 -1.22 1.32
CA ILE A 123 1.23 -1.09 2.21
C ILE A 123 1.49 -0.72 3.64
N GLY A 124 2.74 -0.47 4.01
CA GLY A 124 2.88 -0.16 5.39
C GLY A 124 4.22 0.01 6.03
N GLY A 125 4.12 0.83 7.06
CA GLY A 125 5.23 1.21 7.87
C GLY A 125 5.62 2.61 7.46
N ALA A 126 5.70 3.50 8.44
CA ALA A 126 6.10 4.87 8.15
C ALA A 126 7.51 4.81 7.59
N GLN A 127 8.32 3.91 8.16
CA GLN A 127 9.70 3.78 7.70
C GLN A 127 9.73 3.34 6.25
N LEU A 128 9.02 2.25 5.93
CA LEU A 128 9.00 1.78 4.55
C LEU A 128 8.38 2.85 3.62
N TYR A 129 7.37 3.57 4.11
CA TYR A 129 6.71 4.64 3.34
C TYR A 129 7.72 5.75 3.03
N LYS A 130 8.58 6.02 4.01
CA LYS A 130 9.58 7.06 3.83
C LYS A 130 10.50 6.70 2.66
N ALA A 131 10.92 5.43 2.62
CA ALA A 131 11.79 4.94 1.56
C ALA A 131 11.03 4.92 0.22
N ALA A 132 9.75 4.57 0.27
CA ALA A 132 8.99 4.55 -0.98
C ALA A 132 8.87 5.97 -1.52
N MET A 133 8.52 6.92 -0.68
CA MET A 133 8.38 8.29 -1.12
C MET A 133 9.65 8.78 -1.86
N ASP A 134 10.81 8.26 -1.47
CA ASP A 134 12.08 8.63 -2.11
C ASP A 134 12.39 7.79 -3.34
N HIS A 135 11.65 6.71 -3.57
CA HIS A 135 11.94 5.84 -4.72
C HIS A 135 11.43 6.46 -6.02
N PRO A 136 12.28 6.49 -7.05
CA PRO A 136 11.89 7.07 -8.35
C PRO A 136 10.79 6.33 -9.11
N LYS A 137 10.37 5.16 -8.63
CA LYS A 137 9.31 4.41 -9.31
C LYS A 137 7.95 4.60 -8.66
N LEU A 138 7.91 5.26 -7.52
CA LEU A 138 6.65 5.50 -6.82
C LEU A 138 5.96 6.68 -7.50
N ASP A 139 4.80 6.45 -8.09
CA ASP A 139 4.10 7.53 -8.78
C ASP A 139 2.64 7.64 -8.39
N ARG A 140 2.23 6.85 -7.40
CA ARG A 140 0.81 6.85 -7.05
C ARG A 140 0.53 6.55 -5.59
N ILE A 141 -0.44 7.28 -5.03
CA ILE A 141 -0.82 7.11 -3.65
C ILE A 141 -2.32 6.95 -3.52
N MET A 142 -2.73 5.77 -3.05
CA MET A 142 -4.13 5.48 -2.80
C MET A 142 -4.25 5.90 -1.36
N ALA A 143 -4.86 7.07 -1.15
CA ALA A 143 -4.99 7.56 0.21
C ALA A 143 -6.42 7.59 0.69
N THR A 144 -6.59 7.21 1.95
CA THR A 144 -7.90 7.25 2.58
C THR A 144 -7.74 8.37 3.63
N ILE A 145 -8.37 9.51 3.35
CA ILE A 145 -8.27 10.67 4.25
C ILE A 145 -9.29 10.58 5.36
N ILE A 146 -8.83 10.67 6.59
CA ILE A 146 -9.68 10.61 7.75
C ILE A 146 -9.81 11.99 8.35
N TYR A 147 -11.02 12.56 8.27
CA TYR A 147 -11.27 13.90 8.78
C TYR A 147 -11.48 13.91 10.29
N LYS A 148 -10.40 13.64 11.01
CA LYS A 148 -10.44 13.63 12.46
C LYS A 148 -8.98 13.60 12.93
N ASP A 149 -8.65 14.49 13.86
CA ASP A 149 -7.29 14.57 14.37
C ASP A 149 -7.08 13.52 15.46
N ILE A 150 -7.23 12.26 15.10
CA ILE A 150 -7.06 11.15 16.03
C ILE A 150 -5.63 11.12 16.54
N HIS A 151 -5.45 10.84 17.84
CA HIS A 151 -4.12 10.79 18.42
C HIS A 151 -3.32 9.64 17.79
N CYS A 152 -2.10 9.95 17.33
CA CYS A 152 -1.24 8.94 16.72
C CYS A 152 0.18 9.15 17.22
N ASP A 153 1.01 8.10 17.15
CA ASP A 153 2.40 8.21 17.56
C ASP A 153 3.32 8.04 16.35
N VAL A 154 2.72 7.67 15.22
CA VAL A 154 3.47 7.50 13.99
C VAL A 154 2.77 8.29 12.89
N PHE A 155 3.54 8.98 12.06
CA PHE A 155 2.94 9.79 11.02
C PHE A 155 3.50 9.50 9.63
N PHE A 156 2.77 9.88 8.59
CA PHE A 156 3.23 9.67 7.23
C PHE A 156 4.39 10.67 7.06
N PRO A 157 5.52 10.22 6.48
CA PRO A 157 6.72 11.05 6.28
C PRO A 157 6.70 12.28 5.37
N LEU A 158 5.71 12.40 4.51
CA LEU A 158 5.69 13.54 3.59
C LEU A 158 4.28 14.06 3.37
N LYS A 159 4.10 15.37 3.58
CA LYS A 159 2.79 16.01 3.44
C LYS A 159 2.39 16.19 1.98
N PHE A 160 2.25 15.08 1.29
CA PHE A 160 1.90 15.11 -0.12
C PHE A 160 0.64 15.90 -0.45
N ARG A 161 -0.26 16.08 0.51
CA ARG A 161 -1.49 16.82 0.23
C ARG A 161 -1.40 18.33 0.53
N ASP A 162 -0.26 18.77 1.03
CA ASP A 162 -0.04 20.17 1.38
C ASP A 162 0.39 21.02 0.18
N LYS A 163 0.23 22.34 0.33
CA LYS A 163 0.55 23.27 -0.75
C LYS A 163 1.98 23.18 -1.23
N GLU A 164 2.92 22.89 -0.33
CA GLU A 164 4.33 22.80 -0.69
C GLU A 164 4.62 21.69 -1.70
N TRP A 165 3.78 20.66 -1.72
CA TRP A 165 3.95 19.53 -2.63
C TRP A 165 2.91 19.48 -3.74
N SER A 166 2.09 20.52 -3.85
CA SER A 166 1.02 20.57 -4.85
C SER A 166 1.45 20.59 -6.31
N SER A 167 2.69 20.98 -6.61
CA SER A 167 3.12 20.97 -7.99
C SER A 167 3.62 19.56 -8.33
N VAL A 168 4.04 18.82 -7.32
CA VAL A 168 4.51 17.44 -7.54
C VAL A 168 3.37 16.42 -7.41
N TRP A 169 2.62 16.50 -6.32
CA TRP A 169 1.49 15.58 -6.14
C TRP A 169 0.16 16.23 -6.49
N LYS A 170 -0.62 15.55 -7.34
CA LYS A 170 -1.92 16.03 -7.80
C LYS A 170 -2.98 14.99 -7.47
N LYS A 171 -4.17 15.46 -7.10
CA LYS A 171 -5.26 14.55 -6.79
C LYS A 171 -6.05 14.27 -8.07
N GLU A 172 -6.24 12.99 -8.40
CA GLU A 172 -6.97 12.60 -9.60
C GLU A 172 -8.49 12.65 -9.40
N LYS A 173 -9.24 12.63 -10.50
CA LYS A 173 -10.70 12.63 -10.44
C LYS A 173 -11.16 11.27 -9.96
N HIS A 174 -12.34 11.19 -9.37
CA HIS A 174 -12.82 9.91 -8.89
C HIS A 174 -12.98 8.90 -10.01
N SER A 175 -13.39 9.38 -11.18
CA SER A 175 -13.56 8.49 -12.34
C SER A 175 -12.23 7.86 -12.73
N ASP A 176 -11.12 8.58 -12.55
CA ASP A 176 -9.82 8.00 -12.89
C ASP A 176 -9.38 7.01 -11.81
N LEU A 177 -9.78 7.26 -10.57
CA LEU A 177 -9.44 6.35 -9.49
C LEU A 177 -10.10 4.99 -9.80
N GLU A 178 -11.43 5.00 -9.94
CA GLU A 178 -12.17 3.78 -10.26
C GLU A 178 -11.60 3.09 -11.50
N SER A 179 -11.26 3.88 -12.51
CA SER A 179 -10.70 3.35 -13.75
C SER A 179 -9.39 2.62 -13.48
N TRP A 180 -8.57 3.17 -12.59
CA TRP A 180 -7.28 2.56 -12.26
C TRP A 180 -7.49 1.37 -11.32
N VAL A 181 -8.44 1.52 -10.39
CA VAL A 181 -8.73 0.47 -9.43
C VAL A 181 -9.47 -0.69 -10.10
N GLY A 182 -10.11 -0.40 -11.23
CA GLY A 182 -10.82 -1.44 -11.96
C GLY A 182 -12.20 -1.76 -11.39
N THR A 183 -12.60 -1.05 -10.35
CA THR A 183 -13.91 -1.29 -9.75
C THR A 183 -14.55 -0.01 -9.27
N LYS A 184 -15.84 -0.10 -8.93
CA LYS A 184 -16.60 1.05 -8.45
C LYS A 184 -16.24 1.33 -7.00
N VAL A 185 -15.79 2.55 -6.72
CA VAL A 185 -15.40 2.91 -5.37
C VAL A 185 -16.31 3.99 -4.81
N PRO A 186 -16.64 3.90 -3.51
CA PRO A 186 -17.51 4.88 -2.86
C PRO A 186 -16.95 6.30 -3.05
N HIS A 187 -17.79 7.19 -3.56
CA HIS A 187 -17.40 8.58 -3.77
C HIS A 187 -17.99 9.43 -2.67
N GLY A 188 -17.15 10.28 -2.07
CA GLY A 188 -17.64 11.15 -1.01
C GLY A 188 -17.25 10.67 0.37
N LYS A 189 -17.72 11.39 1.39
CA LYS A 189 -17.41 11.04 2.76
C LYS A 189 -18.21 9.84 3.26
N ILE A 190 -17.51 8.94 3.95
CA ILE A 190 -18.10 7.73 4.51
C ILE A 190 -18.04 7.88 6.01
N ASN A 191 -19.14 7.56 6.68
CA ASN A 191 -19.20 7.68 8.13
C ASN A 191 -19.17 6.31 8.79
N GLU A 192 -18.16 6.09 9.62
CA GLU A 192 -17.99 4.83 10.33
C GLU A 192 -17.34 5.15 11.69
N ASP A 193 -18.03 4.81 12.77
CA ASP A 193 -17.56 5.07 14.13
C ASP A 193 -17.43 6.55 14.44
N GLY A 194 -18.42 7.33 14.00
CA GLY A 194 -18.42 8.76 14.26
C GLY A 194 -17.30 9.53 13.59
N PHE A 195 -16.72 8.96 12.54
CA PHE A 195 -15.62 9.62 11.82
C PHE A 195 -15.94 9.72 10.32
N ASP A 196 -15.60 10.85 9.71
CA ASP A 196 -15.84 11.03 8.28
C ASP A 196 -14.52 10.78 7.54
N TYR A 197 -14.58 10.02 6.45
CA TYR A 197 -13.39 9.75 5.67
C TYR A 197 -13.78 9.46 4.22
N GLU A 198 -12.85 9.64 3.30
CA GLU A 198 -13.13 9.35 1.90
C GLU A 198 -11.88 8.88 1.19
N PHE A 199 -12.07 8.24 0.05
CA PHE A 199 -10.97 7.71 -0.74
C PHE A 199 -10.49 8.68 -1.79
N GLU A 200 -9.16 8.78 -1.93
CA GLU A 200 -8.56 9.66 -2.91
C GLU A 200 -7.39 8.94 -3.57
N MET A 201 -7.01 9.43 -4.75
CA MET A 201 -5.86 8.87 -5.44
C MET A 201 -5.01 10.03 -5.91
N TRP A 202 -3.74 10.02 -5.50
CA TRP A 202 -2.79 11.08 -5.84
C TRP A 202 -1.67 10.54 -6.74
N THR A 203 -1.22 11.33 -7.71
CA THR A 203 -0.15 10.90 -8.60
C THR A 203 0.91 11.97 -8.84
N ARG A 204 2.10 11.50 -9.24
CA ARG A 204 3.20 12.39 -9.58
C ARG A 204 3.88 11.83 -10.82
N ASP A 205 4.40 12.73 -11.65
CA ASP A 205 5.07 12.33 -12.86
C ASP A 205 6.45 11.81 -12.49
N LEU A 206 6.78 10.62 -12.98
CA LEU A 206 8.07 10.02 -12.72
C LEU A 206 9.16 10.76 -13.49
PA NDP B . 7.36 -0.32 9.54
O1A NDP B . 6.48 -1.50 9.26
O2A NDP B . 7.95 0.43 8.42
O5B NDP B . 8.58 -0.93 10.59
C5B NDP B . 10.00 -0.61 10.23
C4B NDP B . 10.80 -1.92 10.22
O4B NDP B . 10.72 -2.41 9.05
C3B NDP B . 12.35 -1.51 10.40
O3B NDP B . 12.48 -1.72 11.87
C2B NDP B . 12.95 -2.55 9.43
O2B NDP B . 13.03 -3.82 9.95
C1B NDP B . 11.99 -2.42 8.28
N9A NDP B . 12.20 -1.38 7.27
C8A NDP B . 11.34 -0.35 6.94
N7A NDP B . 11.80 0.44 5.99
C5A NDP B . 13.06 -0.19 5.73
C6A NDP B . 14.25 0.10 4.75
N6A NDP B . 14.09 1.18 3.94
N1A NDP B . 15.36 -0.73 4.76
C2A NDP B . 15.34 -1.75 5.62
N3A NDP B . 14.40 -2.11 6.50
C4A NDP B . 13.27 -1.26 6.49
O3 NDP B . 6.65 0.54 10.57
PN NDP B . 6.77 1.88 11.37
O1N NDP B . 7.51 2.85 10.63
O2N NDP B . 7.38 1.63 12.68
O5D NDP B . 5.22 2.25 11.70
C5D NDP B . 4.47 1.50 12.34
C4D NDP B . 3.11 2.21 12.47
O4D NDP B . 2.55 2.37 11.07
C3D NDP B . 1.98 1.46 13.28
O3D NDP B . 0.97 2.21 13.99
C2D NDP B . 1.25 0.76 12.10
O2D NDP B . -0.07 0.32 12.36
C1D NDP B . 1.19 1.82 11.15
N1N NDP B . 0.59 1.56 9.79
C2N NDP B . -0.50 2.46 9.38
C3N NDP B . -1.04 2.26 8.15
C7N NDP B . -2.20 3.21 7.72
O7N NDP B . -2.58 2.93 6.60
N7N NDP B . -2.62 4.16 8.57
C4N NDP B . -0.52 1.10 7.17
C5N NDP B . 0.61 0.26 7.77
C6N NDP B . 1.10 0.50 8.99
P2B NDP B . 13.91 -4.60 11.19
O1X NDP B . 15.22 -4.46 10.39
O2X NDP B . 13.41 -5.95 11.14
O3X NDP B . 13.89 -3.72 12.33
N4 DH3 C . -1.71 0.04 3.70
C4 DH3 C . -3.04 0.23 4.15
N3 DH3 C . -3.80 1.18 3.54
C2 DH3 C . -5.10 1.42 3.90
N2 DH3 C . -5.83 2.41 3.24
N1 DH3 C . -5.65 0.68 4.91
C6 DH3 C . -4.95 -0.29 5.56
C5 DH3 C . -3.59 -0.57 5.22
C51 DH3 C . -2.54 -1.63 5.76
C1' DH3 C . -3.15 -2.42 6.96
C6' DH3 C . -4.13 -3.44 6.80
C52 DH3 C . -4.63 -4.11 7.97
C53 DH3 C . -5.67 -5.16 7.79
C54 DH3 C . -6.23 -6.20 7.62
C1 DH3 C . -6.68 -7.36 7.44
C3 DH3 C . -7.07 -8.21 6.55
C7 DH3 C . -7.07 -7.96 5.12
C8 DH3 C . -6.70 -8.30 3.71
O10 DH3 C . -6.86 -9.44 3.29
O9 DH3 C . -6.23 -7.45 2.96
C4' DH3 C . -4.15 -3.79 9.27
O5 DH3 C . -4.69 -4.48 10.39
C5' DH3 C . -5.57 -4.04 11.61
C3' DH3 C . -3.16 -2.77 9.42
O4 DH3 C . -2.67 -2.41 10.67
C4B DH3 C . -1.57 -3.50 11.41
C2' DH3 C . -2.68 -2.11 8.25
#